data_4N1Z
#
_entry.id   4N1Z
#
_cell.length_a   111.946
_cell.length_b   111.946
_cell.length_c   67.284
_cell.angle_alpha   90.00
_cell.angle_beta   90.00
_cell.angle_gamma   90.00
#
_symmetry.space_group_name_H-M   'P 41 21 2'
#
loop_
_entity.id
_entity.type
_entity.pdbx_description
1 polymer 'Farnesyl pyrophosphate synthase'
2 non-polymer 'PHOSPHATE ION'
3 non-polymer 'MAGNESIUM ION'
4 non-polymer 'hydrogen [(1S)-1-hydroxy-2-(3-octyl-1H-imidazol-3-ium-1-yl)-1-phosphonoethyl]phosphonate'
5 water water
#
_entity_poly.entity_id   1
_entity_poly.type   'polypeptide(L)'
_entity_poly.pdbx_seq_one_letter_code
;NSDVYAQEKQDFVQHFSQIVRVLTEDEMGHPEIGDAIARLKEVLEYNAIGGKYNRGLTVVVAFRELVEPRKQDADSLQRA
WTVGWCVELLQAFFLVADDIMDSSLTRRGQICWYQKPGVGLDAINDANLLEACIYRLLKLYCREQPYYLNLIELFLQSSY
QTEIGQTLDLLTAPQGNVDLVRFTEKRYKSIVKYKTAFYSFYLPIAAAMYMAGIDGEKEHANAKKILLEMGEFFQIQDDY
LDLFGDPSVTGKIGTDIQDNKCSWLVVQCLQRATPEQYQILKENYGQKEAEKVARVKALYEELDLPAVFLQYEEDSYSHI
MALIEQYAAPLPPAVFLGLARKIYKRRK
;
_entity_poly.pdbx_strand_id   F
#
loop_
_chem_comp.id
_chem_comp.type
_chem_comp.name
_chem_comp.formula
MG non-polymer 'MAGNESIUM ION' 'Mg 2'
N1Z non-polymer 'hydrogen [(1S)-1-hydroxy-2-(3-octyl-1H-imidazol-3-ium-1-yl)-1-phosphonoethyl]phosphonate' 'C13 H26 N2 O7 P2'
PO4 non-polymer 'PHOSPHATE ION' 'O4 P -3'
#
# COMPACT_ATOMS: atom_id res chain seq x y z
N VAL A 4 8.73 -9.12 -16.23
CA VAL A 4 9.61 -9.60 -15.10
C VAL A 4 8.80 -9.89 -13.81
N TYR A 5 8.00 -8.92 -13.41
CA TYR A 5 6.93 -9.10 -12.45
C TYR A 5 5.92 -10.07 -13.04
N ALA A 6 5.55 -9.83 -14.31
CA ALA A 6 4.49 -10.57 -14.99
C ALA A 6 4.74 -12.07 -15.12
N GLN A 7 5.99 -12.45 -15.24
CA GLN A 7 6.28 -13.87 -15.39
C GLN A 7 6.35 -14.60 -14.05
N GLU A 8 6.92 -13.91 -13.05
CA GLU A 8 7.01 -14.44 -11.68
C GLU A 8 5.69 -14.54 -10.87
N LYS A 9 4.68 -13.77 -11.30
CA LYS A 9 3.34 -13.72 -10.69
C LYS A 9 2.70 -15.09 -10.47
N GLN A 10 2.89 -15.99 -11.44
CA GLN A 10 2.33 -17.35 -11.39
C GLN A 10 2.93 -18.20 -10.30
N ASP A 11 4.25 -18.22 -10.20
CA ASP A 11 4.91 -19.01 -9.16
C ASP A 11 4.52 -18.48 -7.83
N PHE A 12 4.38 -17.15 -7.79
CA PHE A 12 4.10 -16.45 -6.56
C PHE A 12 2.72 -16.86 -6.03
N VAL A 13 1.73 -16.88 -6.91
CA VAL A 13 0.36 -17.10 -6.47
C VAL A 13 0.11 -18.56 -6.11
N GLN A 14 0.86 -19.44 -6.75
CA GLN A 14 0.75 -20.84 -6.44
C GLN A 14 1.27 -21.11 -5.05
N HIS A 15 2.32 -20.41 -4.65
CA HIS A 15 2.92 -20.65 -3.33
C HIS A 15 2.01 -20.25 -2.16
N PHE A 16 0.90 -19.59 -2.48
CA PHE A 16 -0.12 -19.26 -1.48
C PHE A 16 -0.74 -20.46 -0.78
N SER A 17 -1.10 -21.50 -1.52
CA SER A 17 -1.62 -22.76 -0.94
C SER A 17 -0.78 -23.33 0.20
N GLN A 18 0.56 -23.21 0.09
CA GLN A 18 1.52 -23.69 1.10
C GLN A 18 1.58 -22.80 2.33
N ILE A 19 1.61 -21.48 2.09
CA ILE A 19 1.39 -20.46 3.12
C ILE A 19 0.16 -20.85 3.95
N VAL A 20 -0.94 -21.16 3.28
CA VAL A 20 -2.15 -21.53 3.98
C VAL A 20 -2.03 -22.88 4.70
N ARG A 21 -1.42 -23.90 4.08
CA ARG A 21 -1.32 -25.20 4.76
C ARG A 21 -0.43 -25.12 6.00
N VAL A 22 0.70 -24.42 5.85
CA VAL A 22 1.60 -24.22 6.95
C VAL A 22 0.98 -23.39 8.11
N LEU A 23 0.13 -22.43 7.78
CA LEU A 23 -0.59 -21.67 8.82
C LEU A 23 -1.74 -22.43 9.49
N THR A 24 -2.25 -23.48 8.82
CA THR A 24 -3.43 -24.23 9.31
C THR A 24 -3.19 -25.73 9.58
N HIS A 30 -3.05 -29.09 18.49
CA HIS A 30 -4.11 -28.30 19.08
C HIS A 30 -5.48 -28.47 18.37
N PRO A 31 -6.15 -29.64 18.51
CA PRO A 31 -7.47 -29.82 17.86
C PRO A 31 -8.57 -28.88 18.37
N GLU A 32 -8.38 -28.38 19.60
CA GLU A 32 -9.27 -27.42 20.29
C GLU A 32 -9.52 -26.07 19.55
N ILE A 33 -8.45 -25.49 18.99
CA ILE A 33 -8.59 -24.29 18.18
C ILE A 33 -9.08 -24.50 16.72
N GLY A 34 -9.50 -25.73 16.39
CA GLY A 34 -9.95 -26.08 15.03
C GLY A 34 -10.73 -24.99 14.34
N ASP A 35 -11.84 -24.60 14.95
CA ASP A 35 -12.75 -23.59 14.35
C ASP A 35 -12.12 -22.26 14.05
N ALA A 36 -11.27 -21.81 14.97
CA ALA A 36 -10.54 -20.55 14.87
C ALA A 36 -9.59 -20.68 13.74
N ILE A 37 -9.00 -21.87 13.59
CA ILE A 37 -8.04 -22.08 12.52
C ILE A 37 -8.75 -22.08 11.17
N ALA A 38 -9.94 -22.68 11.11
CA ALA A 38 -10.76 -22.67 9.90
C ALA A 38 -11.20 -21.21 9.56
N ARG A 39 -11.39 -20.40 10.58
CA ARG A 39 -11.82 -19.03 10.28
C ARG A 39 -10.66 -18.21 9.72
N LEU A 40 -9.45 -18.50 10.18
CA LEU A 40 -8.22 -17.91 9.65
C LEU A 40 -8.06 -18.22 8.15
N LYS A 41 -8.25 -19.47 7.78
CA LYS A 41 -8.13 -19.88 6.39
C LYS A 41 -9.09 -19.04 5.60
N GLU A 42 -10.32 -18.91 6.09
CA GLU A 42 -11.29 -18.12 5.36
C GLU A 42 -10.91 -16.63 5.22
N VAL A 43 -10.41 -16.05 6.31
CA VAL A 43 -9.96 -14.67 6.29
C VAL A 43 -8.87 -14.46 5.24
N LEU A 44 -7.91 -15.40 5.20
CA LEU A 44 -6.78 -15.34 4.25
C LEU A 44 -7.21 -15.40 2.78
N GLU A 45 -8.11 -16.36 2.50
CA GLU A 45 -8.54 -16.62 1.12
C GLU A 45 -9.28 -15.40 0.61
N TYR A 46 -10.09 -14.79 1.47
CA TYR A 46 -10.85 -13.62 1.10
C TYR A 46 -10.00 -12.36 1.01
N ASN A 47 -9.03 -12.19 1.90
CA ASN A 47 -8.37 -10.89 2.00
C ASN A 47 -6.95 -10.80 1.49
N ALA A 48 -6.29 -11.93 1.33
CA ALA A 48 -4.93 -11.93 0.78
C ALA A 48 -4.85 -12.11 -0.75
N ILE A 49 -5.94 -12.58 -1.35
CA ILE A 49 -5.99 -12.89 -2.76
C ILE A 49 -6.82 -11.82 -3.44
N GLY A 50 -6.51 -11.52 -4.70
CA GLY A 50 -7.33 -10.65 -5.54
C GLY A 50 -6.69 -9.33 -5.99
N GLY A 51 -5.60 -8.93 -5.33
CA GLY A 51 -4.89 -7.69 -5.67
C GLY A 51 -3.88 -7.95 -6.77
N LYS A 52 -3.00 -6.97 -7.03
CA LYS A 52 -1.97 -7.09 -8.07
C LYS A 52 -0.64 -7.73 -7.58
N TYR A 53 -0.46 -7.89 -6.27
CA TYR A 53 0.74 -8.44 -5.65
C TYR A 53 2.03 -7.69 -5.96
N ASN A 54 1.91 -6.44 -6.38
CA ASN A 54 3.08 -5.60 -6.61
C ASN A 54 4.09 -5.69 -5.48
N ARG A 55 3.59 -5.71 -4.25
CA ARG A 55 4.44 -5.43 -3.11
C ARG A 55 5.21 -6.68 -2.74
N GLY A 56 4.50 -7.82 -2.75
CA GLY A 56 5.11 -9.09 -2.46
C GLY A 56 5.95 -9.56 -3.63
N LEU A 57 5.46 -9.36 -4.83
CA LEU A 57 6.30 -9.60 -6.00
C LEU A 57 7.60 -8.81 -5.95
N THR A 58 7.56 -7.55 -5.48
CA THR A 58 8.79 -6.79 -5.41
C THR A 58 9.89 -7.51 -4.53
N VAL A 59 9.48 -8.17 -3.45
CA VAL A 59 10.43 -8.88 -2.60
C VAL A 59 11.17 -9.95 -3.44
N VAL A 60 10.41 -10.71 -4.22
CA VAL A 60 10.93 -11.85 -4.94
C VAL A 60 11.80 -11.43 -6.15
N VAL A 61 11.26 -10.52 -6.95
CA VAL A 61 11.98 -9.88 -8.04
C VAL A 61 13.30 -9.24 -7.56
N ALA A 62 13.25 -8.43 -6.48
CA ALA A 62 14.49 -7.77 -6.02
C ALA A 62 15.46 -8.77 -5.42
N PHE A 63 14.93 -9.83 -4.84
CA PHE A 63 15.77 -10.87 -4.28
C PHE A 63 16.59 -11.51 -5.41
N ARG A 64 15.91 -12.06 -6.41
CA ARG A 64 16.55 -12.58 -7.62
C ARG A 64 17.65 -11.67 -8.15
N GLU A 65 17.40 -10.36 -8.16
CA GLU A 65 18.34 -9.45 -8.76
C GLU A 65 19.50 -9.09 -7.88
N LEU A 66 19.41 -9.37 -6.58
CA LEU A 66 20.50 -8.95 -5.70
C LEU A 66 21.36 -10.10 -5.15
N VAL A 67 20.88 -11.32 -5.25
CA VAL A 67 21.64 -12.48 -4.80
C VAL A 67 22.14 -13.16 -6.07
N GLU A 68 23.39 -13.67 -6.02
CA GLU A 68 23.98 -14.49 -7.09
C GLU A 68 23.27 -15.81 -7.22
N PRO A 69 23.02 -16.26 -8.47
CA PRO A 69 22.25 -17.49 -8.74
C PRO A 69 22.80 -18.72 -8.03
N ARG A 70 24.07 -18.67 -7.69
CA ARG A 70 24.73 -19.76 -6.98
C ARG A 70 24.32 -19.78 -5.50
N LYS A 71 23.84 -18.65 -4.99
CA LYS A 71 23.30 -18.56 -3.61
C LYS A 71 21.77 -18.67 -3.59
N GLN A 72 21.15 -18.82 -4.76
CA GLN A 72 19.70 -18.91 -4.85
C GLN A 72 19.23 -20.34 -4.87
N ASP A 73 19.58 -21.09 -3.83
CA ASP A 73 19.14 -22.49 -3.73
C ASP A 73 17.62 -22.52 -3.50
N ALA A 74 17.04 -23.71 -3.45
CA ALA A 74 15.57 -23.88 -3.37
C ALA A 74 14.98 -23.33 -2.05
N ASP A 75 15.70 -23.60 -0.97
CA ASP A 75 15.36 -23.10 0.35
C ASP A 75 15.42 -21.57 0.46
N SER A 76 16.46 -21.00 -0.16
CA SER A 76 16.69 -19.58 -0.25
C SER A 76 15.54 -18.87 -0.94
N LEU A 77 14.94 -19.57 -1.91
CA LEU A 77 13.84 -19.04 -2.69
C LEU A 77 12.52 -19.14 -1.97
N GLN A 78 12.29 -20.29 -1.35
CA GLN A 78 11.15 -20.51 -0.51
C GLN A 78 11.00 -19.32 0.44
N ARG A 79 12.09 -18.95 1.10
CA ARG A 79 12.10 -17.84 2.03
C ARG A 79 11.79 -16.50 1.36
N ALA A 80 12.35 -16.24 0.18
CA ALA A 80 12.03 -15.01 -0.52
C ALA A 80 10.54 -14.90 -0.79
N TRP A 81 9.87 -15.98 -1.23
CA TRP A 81 8.43 -15.81 -1.48
C TRP A 81 7.54 -15.88 -0.23
N THR A 82 8.06 -16.40 0.89
CA THR A 82 7.40 -16.36 2.18
C THR A 82 7.43 -14.89 2.67
N VAL A 83 8.58 -14.25 2.64
CA VAL A 83 8.66 -12.87 3.04
C VAL A 83 7.83 -12.04 2.08
N GLY A 84 7.82 -12.42 0.80
CA GLY A 84 6.91 -11.80 -0.18
C GLY A 84 5.47 -11.86 0.29
N TRP A 85 4.99 -13.05 0.68
CA TRP A 85 3.66 -13.17 1.26
C TRP A 85 3.43 -12.45 2.60
N CYS A 86 4.45 -12.39 3.47
CA CYS A 86 4.38 -11.55 4.69
C CYS A 86 4.07 -10.11 4.33
N VAL A 87 4.72 -9.55 3.31
CA VAL A 87 4.35 -8.21 2.93
C VAL A 87 2.91 -8.10 2.44
N GLU A 88 2.43 -9.13 1.74
CA GLU A 88 1.01 -9.12 1.25
C GLU A 88 0.01 -9.23 2.42
N LEU A 89 0.46 -9.91 3.47
CA LEU A 89 -0.34 -10.10 4.68
C LEU A 89 -0.42 -8.78 5.42
N LEU A 90 0.67 -8.02 5.43
CA LEU A 90 0.64 -6.69 5.98
C LEU A 90 -0.37 -5.87 5.23
N GLN A 91 -0.31 -5.92 3.91
CA GLN A 91 -1.24 -5.16 3.10
C GLN A 91 -2.69 -5.54 3.45
N ALA A 92 -3.00 -6.84 3.44
CA ALA A 92 -4.34 -7.35 3.71
C ALA A 92 -4.85 -6.88 5.05
N PHE A 93 -3.97 -6.91 6.04
CA PHE A 93 -4.21 -6.32 7.37
C PHE A 93 -4.62 -4.86 7.27
N PHE A 94 -3.77 -4.02 6.69
CA PHE A 94 -4.05 -2.59 6.59
C PHE A 94 -5.36 -2.34 5.85
N LEU A 95 -5.61 -3.10 4.79
CA LEU A 95 -6.84 -2.93 3.98
C LEU A 95 -8.10 -3.27 4.71
N VAL A 96 -8.10 -4.38 5.44
CA VAL A 96 -9.35 -4.78 6.07
C VAL A 96 -9.79 -3.66 7.05
N ALA A 97 -8.80 -3.13 7.76
CA ALA A 97 -9.03 -2.12 8.80
C ALA A 97 -9.37 -0.76 8.21
N ASP A 98 -8.64 -0.34 7.15
CA ASP A 98 -8.85 0.95 6.45
C ASP A 98 -10.25 1.05 5.82
N ASP A 99 -10.76 -0.08 5.31
CA ASP A 99 -12.13 -0.13 4.75
C ASP A 99 -13.24 0.16 5.78
N ILE A 100 -13.11 -0.39 6.99
CA ILE A 100 -13.96 0.01 8.11
C ILE A 100 -13.84 1.50 8.45
N MET A 101 -12.63 1.99 8.65
CA MET A 101 -12.43 3.39 9.00
C MET A 101 -12.85 4.32 7.89
N ASP A 102 -12.79 3.87 6.66
CA ASP A 102 -13.15 4.68 5.51
C ASP A 102 -14.63 4.51 5.10
N SER A 103 -15.34 3.56 5.74
CA SER A 103 -16.71 3.18 5.35
C SER A 103 -16.84 2.81 3.89
N SER A 104 -15.84 2.09 3.39
CA SER A 104 -15.81 1.71 2.01
C SER A 104 -16.78 0.54 1.79
N LEU A 105 -17.14 0.35 0.53
CA LEU A 105 -18.12 -0.69 0.09
C LEU A 105 -17.47 -1.93 -0.57
N THR A 106 -16.57 -1.68 -1.52
CA THR A 106 -15.91 -2.77 -2.25
C THR A 106 -14.43 -2.59 -2.18
N ARG A 107 -13.76 -3.71 -2.32
CA ARG A 107 -12.30 -3.81 -2.39
C ARG A 107 -11.95 -4.96 -3.34
N ARG A 108 -11.10 -4.69 -4.33
CA ARG A 108 -10.57 -5.77 -5.21
C ARG A 108 -11.74 -6.49 -5.89
N GLY A 109 -12.74 -5.71 -6.30
CA GLY A 109 -13.90 -6.20 -7.00
C GLY A 109 -14.87 -7.07 -6.20
N GLN A 110 -14.82 -7.03 -4.88
CA GLN A 110 -15.90 -7.64 -4.10
C GLN A 110 -16.23 -6.79 -2.88
N ILE A 111 -17.34 -7.13 -2.23
CA ILE A 111 -17.75 -6.53 -0.96
C ILE A 111 -16.57 -6.57 0.06
N CYS A 112 -16.32 -5.44 0.73
CA CYS A 112 -15.35 -5.39 1.80
C CYS A 112 -15.69 -6.46 2.80
N TRP A 113 -14.67 -7.03 3.42
CA TRP A 113 -14.85 -8.12 4.36
C TRP A 113 -15.83 -7.71 5.49
N TYR A 114 -15.67 -6.55 6.10
CA TYR A 114 -16.60 -6.12 7.16
C TYR A 114 -18.07 -5.93 6.75
N GLN A 115 -18.32 -5.72 5.46
CA GLN A 115 -19.70 -5.52 4.92
C GLN A 115 -20.37 -6.82 4.54
N LYS A 116 -19.62 -7.92 4.56
CA LYS A 116 -20.22 -9.23 4.43
C LYS A 116 -21.22 -9.46 5.53
N PRO A 117 -22.42 -9.96 5.18
CA PRO A 117 -23.36 -10.54 6.14
C PRO A 117 -22.64 -11.48 7.10
N GLY A 118 -22.84 -11.27 8.41
CA GLY A 118 -22.34 -12.17 9.42
C GLY A 118 -20.88 -11.93 9.86
N VAL A 119 -20.27 -10.82 9.45
CA VAL A 119 -18.88 -10.47 9.77
C VAL A 119 -18.79 -9.20 10.61
N GLY A 120 -19.10 -8.05 9.98
CA GLY A 120 -19.13 -6.72 10.61
C GLY A 120 -17.87 -6.39 11.40
N LEU A 121 -18.05 -5.90 12.63
CA LEU A 121 -16.92 -5.52 13.46
C LEU A 121 -16.02 -6.65 14.00
N ASP A 122 -16.42 -7.92 13.88
CA ASP A 122 -15.47 -9.03 13.98
C ASP A 122 -14.24 -8.89 13.05
N ALA A 123 -14.41 -8.16 11.96
CA ALA A 123 -13.37 -7.93 11.00
C ALA A 123 -12.17 -7.34 11.67
N ILE A 124 -12.37 -6.59 12.77
CA ILE A 124 -11.25 -6.02 13.57
C ILE A 124 -10.27 -7.10 14.07
N ASN A 125 -10.79 -8.20 14.62
CA ASN A 125 -9.98 -9.33 15.07
C ASN A 125 -9.36 -10.11 13.87
N ASP A 126 -10.17 -10.36 12.85
CA ASP A 126 -9.69 -10.89 11.58
C ASP A 126 -8.45 -10.11 11.05
N ALA A 127 -8.48 -8.78 11.05
CA ALA A 127 -7.39 -8.00 10.48
C ALA A 127 -6.11 -8.27 11.28
N ASN A 128 -6.22 -8.26 12.59
CA ASN A 128 -5.06 -8.39 13.40
C ASN A 128 -4.49 -9.81 13.32
N LEU A 129 -5.38 -10.80 13.17
CA LEU A 129 -4.94 -12.15 12.89
C LEU A 129 -4.03 -12.16 11.67
N LEU A 130 -4.43 -11.48 10.61
CA LEU A 130 -3.59 -11.40 9.42
C LEU A 130 -2.22 -10.85 9.76
N GLU A 131 -2.14 -9.84 10.64
CA GLU A 131 -0.85 -9.32 11.04
C GLU A 131 -0.05 -10.35 11.82
N ALA A 132 -0.68 -11.06 12.77
CA ALA A 132 -0.01 -12.15 13.52
C ALA A 132 0.62 -13.21 12.63
N CYS A 133 0.07 -13.44 11.44
CA CYS A 133 0.62 -14.47 10.58
C CYS A 133 2.02 -14.16 10.07
N ILE A 134 2.33 -12.86 9.90
CA ILE A 134 3.59 -12.40 9.35
C ILE A 134 4.62 -13.01 10.26
N TYR A 135 4.44 -12.86 11.58
CA TYR A 135 5.48 -13.21 12.52
C TYR A 135 5.53 -14.70 12.74
N ARG A 136 4.40 -15.36 12.64
CA ARG A 136 4.44 -16.83 12.59
C ARG A 136 5.30 -17.32 11.39
N LEU A 137 5.11 -16.74 10.21
CA LEU A 137 5.88 -17.20 9.05
C LEU A 137 7.34 -16.84 9.19
N LEU A 138 7.64 -15.62 9.61
CA LEU A 138 9.02 -15.23 9.86
C LEU A 138 9.72 -16.25 10.76
N LYS A 139 9.05 -16.74 11.80
CA LYS A 139 9.67 -17.70 12.72
C LYS A 139 9.85 -19.07 12.04
N LEU A 140 8.81 -19.47 11.32
CA LEU A 140 8.76 -20.75 10.59
C LEU A 140 9.87 -20.94 9.60
N TYR A 141 10.24 -19.88 8.91
CA TYR A 141 11.12 -20.00 7.78
C TYR A 141 12.42 -19.28 7.91
N CYS A 142 12.50 -18.26 8.77
CA CYS A 142 13.73 -17.42 8.84
C CYS A 142 14.39 -17.34 10.21
N ARG A 143 13.87 -18.10 11.17
CA ARG A 143 14.34 -18.03 12.57
C ARG A 143 15.84 -18.31 12.69
N GLU A 144 16.40 -19.11 11.78
CA GLU A 144 17.84 -19.32 11.82
C GLU A 144 18.68 -18.49 10.86
N GLN A 145 18.09 -17.52 10.16
CA GLN A 145 18.86 -16.68 9.27
C GLN A 145 19.48 -15.53 10.02
N PRO A 146 20.59 -14.96 9.53
CA PRO A 146 21.19 -13.86 10.31
C PRO A 146 20.43 -12.54 10.14
N TYR A 147 19.46 -12.53 9.24
CA TYR A 147 18.66 -11.31 9.00
C TYR A 147 17.31 -11.29 9.77
N TYR A 148 17.06 -12.34 10.54
CA TYR A 148 15.77 -12.62 11.17
C TYR A 148 15.24 -11.43 11.99
N LEU A 149 16.02 -10.98 12.96
CA LEU A 149 15.75 -9.79 13.73
C LEU A 149 15.62 -8.49 12.89
N ASN A 150 16.46 -8.33 11.87
CA ASN A 150 16.34 -7.18 10.98
C ASN A 150 14.96 -7.10 10.29
N LEU A 151 14.47 -8.27 9.88
CA LEU A 151 13.20 -8.40 9.21
C LEU A 151 12.06 -8.11 10.20
N ILE A 152 12.12 -8.76 11.37
CA ILE A 152 11.12 -8.51 12.42
C ILE A 152 11.02 -7.03 12.71
N GLU A 153 12.16 -6.37 12.89
CA GLU A 153 12.15 -4.96 13.27
C GLU A 153 11.63 -4.11 12.13
N LEU A 154 12.03 -4.45 10.91
CA LEU A 154 11.54 -3.76 9.70
C LEU A 154 10.01 -3.78 9.54
N PHE A 155 9.42 -4.96 9.64
CA PHE A 155 7.98 -5.09 9.63
C PHE A 155 7.30 -4.33 10.81
N LEU A 156 7.91 -4.28 11.99
CA LEU A 156 7.28 -3.56 13.11
C LEU A 156 7.41 -2.05 12.88
N GLN A 157 8.59 -1.61 12.49
CA GLN A 157 8.84 -0.19 12.32
C GLN A 157 7.92 0.30 11.20
N SER A 158 7.77 -0.53 10.18
CA SER A 158 6.88 -0.22 9.10
C SER A 158 5.40 -0.15 9.51
N SER A 159 4.93 -0.99 10.44
CA SER A 159 3.55 -0.81 10.93
C SER A 159 3.38 0.46 11.76
N TYR A 160 4.32 0.71 12.66
CA TYR A 160 4.25 1.94 13.46
C TYR A 160 4.17 3.20 12.51
N GLN A 161 5.11 3.35 11.58
CA GLN A 161 5.06 4.48 10.64
C GLN A 161 3.75 4.58 9.91
N THR A 162 3.23 3.43 9.46
CA THR A 162 1.97 3.48 8.68
C THR A 162 0.75 3.76 9.57
N GLU A 163 0.77 3.32 10.82
CA GLU A 163 -0.30 3.70 11.78
C GLU A 163 -0.19 5.14 12.16
N ILE A 164 1.03 5.67 12.23
CA ILE A 164 1.21 7.11 12.46
C ILE A 164 0.60 7.89 11.29
N GLY A 165 0.89 7.47 10.06
CA GLY A 165 0.28 8.01 8.86
C GLY A 165 -1.23 7.98 8.88
N GLN A 166 -1.84 6.83 9.22
CA GLN A 166 -3.28 6.80 9.40
C GLN A 166 -3.76 7.87 10.36
N THR A 167 -3.08 8.06 11.47
CA THR A 167 -3.61 8.98 12.51
C THR A 167 -3.75 10.33 11.84
N LEU A 168 -2.74 10.69 11.07
CA LEU A 168 -2.67 11.96 10.41
C LEU A 168 -3.81 12.08 9.37
N ASP A 169 -3.98 11.01 8.59
CA ASP A 169 -5.04 10.87 7.60
C ASP A 169 -6.42 11.09 8.31
N LEU A 170 -6.64 10.45 9.47
CA LEU A 170 -7.93 10.60 10.24
C LEU A 170 -8.11 11.94 10.94
N LEU A 171 -7.06 12.46 11.57
CA LEU A 171 -7.12 13.77 12.23
C LEU A 171 -7.37 14.91 11.27
N THR A 172 -6.99 14.74 10.01
CA THR A 172 -7.10 15.80 9.03
C THR A 172 -8.46 15.72 8.35
N ALA A 173 -9.17 14.62 8.59
CA ALA A 173 -10.49 14.44 7.97
C ALA A 173 -11.58 14.14 9.00
N PRO A 174 -11.82 15.07 9.95
CA PRO A 174 -12.95 14.83 10.88
C PRO A 174 -14.32 14.81 10.15
N GLN A 175 -15.16 13.82 10.53
CA GLN A 175 -16.51 13.63 10.00
C GLN A 175 -17.38 14.84 10.42
N GLY A 176 -17.94 15.52 9.45
CA GLY A 176 -18.83 16.63 9.76
C GLY A 176 -18.17 17.94 10.16
N ASN A 177 -16.90 18.13 9.79
CA ASN A 177 -16.27 19.44 9.82
C ASN A 177 -16.10 19.99 8.38
N LEU A 180 -11.13 22.91 5.79
CA LEU A 180 -10.47 23.14 4.50
C LEU A 180 -9.15 23.91 4.58
N VAL A 181 -9.04 24.75 5.59
CA VAL A 181 -7.80 25.44 5.87
C VAL A 181 -6.72 24.41 6.13
N ARG A 182 -7.10 23.26 6.69
CA ARG A 182 -6.16 22.17 7.03
C ARG A 182 -5.44 21.51 5.81
N PHE A 183 -6.07 21.61 4.62
CA PHE A 183 -5.63 20.84 3.46
C PHE A 183 -4.51 21.56 2.72
N THR A 184 -3.29 21.52 3.26
CA THR A 184 -2.14 22.16 2.64
C THR A 184 -1.24 21.13 1.95
N GLU A 185 -0.30 21.61 1.14
CA GLU A 185 0.72 20.75 0.53
C GLU A 185 1.63 20.06 1.57
N LYS A 186 1.98 20.80 2.61
CA LYS A 186 2.95 20.32 3.54
C LYS A 186 2.29 19.15 4.31
N ARG A 187 1.01 19.31 4.58
CA ARG A 187 0.29 18.34 5.37
C ARG A 187 0.09 17.06 4.53
N TYR A 188 -0.25 17.25 3.26
CA TYR A 188 -0.48 16.15 2.33
C TYR A 188 0.74 15.24 2.17
N LYS A 189 1.89 15.86 1.90
CA LYS A 189 3.16 15.14 1.68
C LYS A 189 3.50 14.32 2.91
N SER A 190 3.27 14.90 4.07
CA SER A 190 3.50 14.27 5.32
C SER A 190 2.62 13.03 5.52
N ILE A 191 1.36 13.15 5.13
CA ILE A 191 0.43 12.08 5.30
C ILE A 191 0.86 10.89 4.46
N VAL A 192 1.18 11.15 3.20
CA VAL A 192 1.38 10.04 2.24
C VAL A 192 2.72 9.32 2.46
N LYS A 193 3.65 10.07 3.01
CA LYS A 193 4.96 9.52 3.37
C LYS A 193 4.82 8.40 4.41
N TYR A 194 4.05 8.67 5.47
CA TYR A 194 3.91 7.72 6.57
C TYR A 194 2.89 6.61 6.26
N LYS A 195 1.77 7.04 5.68
CA LYS A 195 0.62 6.16 5.48
C LYS A 195 0.82 5.14 4.41
N THR A 196 1.63 5.47 3.37
CA THR A 196 1.82 4.58 2.22
C THR A 196 3.26 4.29 1.80
N ALA A 197 4.08 5.33 1.85
CA ALA A 197 5.41 5.24 1.27
C ALA A 197 6.34 4.25 2.00
N PHE A 198 6.48 4.30 3.32
CA PHE A 198 7.29 3.28 3.96
C PHE A 198 6.89 1.83 3.63
N TYR A 199 5.62 1.48 3.76
CA TYR A 199 5.32 0.03 3.68
C TYR A 199 5.11 -0.53 2.28
N SER A 200 4.78 0.34 1.35
CA SER A 200 4.41 -0.14 0.03
C SER A 200 5.63 -0.16 -0.85
N PHE A 201 6.66 0.58 -0.46
CA PHE A 201 7.81 0.81 -1.32
C PHE A 201 9.16 0.51 -0.63
N TYR A 202 9.46 1.21 0.47
CA TYR A 202 10.67 0.90 1.21
C TYR A 202 10.68 -0.57 1.72
N LEU A 203 9.62 -0.95 2.43
CA LEU A 203 9.56 -2.26 3.09
C LEU A 203 9.92 -3.45 2.16
N PRO A 204 9.28 -3.57 0.97
CA PRO A 204 9.66 -4.76 0.19
C PRO A 204 11.11 -4.75 -0.32
N ILE A 205 11.61 -3.63 -0.84
CA ILE A 205 12.99 -3.62 -1.29
C ILE A 205 13.97 -3.86 -0.15
N ALA A 206 13.73 -3.21 1.00
CA ALA A 206 14.63 -3.33 2.17
C ALA A 206 14.64 -4.75 2.67
N ALA A 207 13.48 -5.42 2.59
CA ALA A 207 13.37 -6.82 3.05
C ALA A 207 14.32 -7.66 2.22
N ALA A 208 14.29 -7.43 0.91
CA ALA A 208 15.14 -8.18 0.00
C ALA A 208 16.61 -7.80 0.18
N MET A 209 16.88 -6.50 0.40
CA MET A 209 18.24 -6.10 0.81
C MET A 209 18.79 -6.87 2.03
N TYR A 210 18.01 -6.97 3.10
CA TYR A 210 18.50 -7.71 4.28
C TYR A 210 18.70 -9.21 4.04
N MET A 211 17.87 -9.78 3.17
CA MET A 211 17.99 -11.18 2.75
C MET A 211 19.22 -11.45 1.87
N ALA A 212 19.74 -10.41 1.23
CA ALA A 212 20.88 -10.52 0.36
C ALA A 212 22.14 -10.07 1.09
N GLY A 213 21.99 -9.81 2.38
CA GLY A 213 23.12 -9.51 3.24
C GLY A 213 23.52 -8.06 3.14
N ILE A 214 22.69 -7.24 2.53
CA ILE A 214 23.05 -5.84 2.32
C ILE A 214 22.37 -5.06 3.41
N ASP A 215 23.10 -4.73 4.46
CA ASP A 215 22.46 -3.96 5.52
C ASP A 215 23.17 -2.73 6.02
N GLY A 216 23.93 -2.06 5.15
CA GLY A 216 24.56 -0.81 5.52
C GLY A 216 23.54 0.30 5.62
N GLU A 217 23.69 1.15 6.62
CA GLU A 217 22.85 2.30 6.80
C GLU A 217 22.75 3.17 5.53
N LYS A 218 23.90 3.43 4.91
CA LYS A 218 24.01 4.34 3.77
C LYS A 218 23.17 3.84 2.56
N GLU A 219 23.27 2.54 2.29
CA GLU A 219 22.58 1.91 1.19
C GLU A 219 21.05 1.86 1.43
N HIS A 220 20.64 1.77 2.70
CA HIS A 220 19.24 1.78 3.05
C HIS A 220 18.65 3.14 2.87
N ALA A 221 19.34 4.14 3.42
CA ALA A 221 18.95 5.55 3.22
C ALA A 221 18.91 5.95 1.72
N ASN A 222 19.87 5.52 0.92
CA ASN A 222 19.83 5.82 -0.54
C ASN A 222 18.66 5.16 -1.26
N ALA A 223 18.41 3.89 -0.97
CA ALA A 223 17.22 3.23 -1.46
C ALA A 223 15.97 3.98 -0.95
N LYS A 224 16.02 4.41 0.30
CA LYS A 224 14.85 5.08 0.88
C LYS A 224 14.56 6.37 0.08
N LYS A 225 15.60 7.12 -0.25
CA LYS A 225 15.42 8.41 -0.92
C LYS A 225 14.60 8.14 -2.19
N ILE A 226 15.02 7.16 -3.00
CA ILE A 226 14.23 6.78 -4.19
C ILE A 226 12.79 6.33 -3.86
N LEU A 227 12.66 5.41 -2.91
CA LEU A 227 11.41 4.71 -2.71
C LEU A 227 10.30 5.56 -2.03
N LEU A 228 10.68 6.51 -1.16
CA LEU A 228 9.66 7.38 -0.58
C LEU A 228 9.01 8.27 -1.61
N GLU A 229 9.78 8.73 -2.58
CA GLU A 229 9.23 9.56 -3.65
C GLU A 229 8.36 8.75 -4.57
N MET A 230 8.73 7.51 -4.86
CA MET A 230 7.83 6.63 -5.63
C MET A 230 6.51 6.40 -4.87
N GLY A 231 6.59 6.26 -3.55
CA GLY A 231 5.43 6.07 -2.70
C GLY A 231 4.49 7.26 -2.74
N GLU A 232 5.05 8.46 -2.68
CA GLU A 232 4.26 9.68 -2.74
C GLU A 232 3.51 9.73 -4.07
N PHE A 233 4.22 9.59 -5.20
CA PHE A 233 3.52 9.53 -6.49
C PHE A 233 2.39 8.47 -6.50
N PHE A 234 2.68 7.28 -5.97
CA PHE A 234 1.73 6.19 -5.97
C PHE A 234 0.44 6.58 -5.26
N GLN A 235 0.56 7.26 -4.14
CA GLN A 235 -0.62 7.64 -3.36
C GLN A 235 -1.42 8.71 -4.09
N ILE A 236 -0.72 9.59 -4.82
CA ILE A 236 -1.37 10.70 -5.55
C ILE A 236 -2.17 10.13 -6.70
N GLN A 237 -1.57 9.18 -7.40
CA GLN A 237 -2.28 8.30 -8.30
C GLN A 237 -3.55 7.64 -7.62
N ASP A 238 -3.39 7.08 -6.40
CA ASP A 238 -4.49 6.47 -5.62
C ASP A 238 -5.61 7.47 -5.37
N ASP A 239 -5.25 8.70 -5.02
CA ASP A 239 -6.24 9.75 -4.84
C ASP A 239 -6.96 10.08 -6.14
N TYR A 240 -6.21 10.19 -7.24
CA TYR A 240 -6.82 10.47 -8.55
C TYR A 240 -7.83 9.38 -8.96
N LEU A 241 -7.39 8.15 -8.88
CA LEU A 241 -8.23 7.05 -9.28
C LEU A 241 -9.46 6.91 -8.36
N ASP A 242 -9.38 7.44 -7.14
CA ASP A 242 -10.52 7.37 -6.22
C ASP A 242 -11.74 8.06 -6.85
N LEU A 243 -11.53 9.22 -7.48
CA LEU A 243 -12.60 9.94 -8.25
C LEU A 243 -12.72 9.58 -9.76
N PHE A 244 -11.59 9.53 -10.47
CA PHE A 244 -11.60 9.45 -11.92
C PHE A 244 -11.18 8.11 -12.48
N GLY A 245 -11.25 7.07 -11.64
CA GLY A 245 -10.94 5.74 -12.11
C GLY A 245 -12.18 4.91 -12.29
N ASP A 246 -12.09 3.93 -13.18
CA ASP A 246 -13.20 3.00 -13.43
C ASP A 246 -13.23 1.89 -12.39
N PRO A 247 -14.30 1.83 -11.57
CA PRO A 247 -14.46 0.84 -10.49
C PRO A 247 -14.51 -0.60 -10.98
N SER A 248 -14.69 -0.76 -12.27
CA SER A 248 -14.61 -2.05 -12.91
C SER A 248 -13.15 -2.47 -13.03
N VAL A 249 -12.25 -1.49 -13.05
CA VAL A 249 -10.82 -1.74 -13.11
C VAL A 249 -10.19 -1.64 -11.71
N THR A 250 -10.48 -0.56 -10.97
CA THR A 250 -9.90 -0.39 -9.65
C THR A 250 -10.35 -1.49 -8.65
N GLY A 251 -11.54 -2.07 -8.82
CA GLY A 251 -12.10 -3.03 -7.85
C GLY A 251 -12.68 -2.38 -6.58
N LYS A 252 -12.76 -1.04 -6.57
CA LYS A 252 -13.19 -0.29 -5.35
C LYS A 252 -13.91 1.01 -5.69
N ILE A 253 -14.88 1.37 -4.86
CA ILE A 253 -15.65 2.61 -5.00
C ILE A 253 -15.04 3.68 -4.11
N GLY A 254 -14.90 4.90 -4.66
CA GLY A 254 -14.29 6.04 -3.96
C GLY A 254 -15.16 6.57 -2.84
N THR A 255 -14.54 7.20 -1.84
CA THR A 255 -15.20 7.73 -0.64
C THR A 255 -14.53 9.05 -0.19
N ASP A 256 -13.51 9.51 -0.90
CA ASP A 256 -12.63 10.58 -0.39
C ASP A 256 -13.37 11.88 -0.09
N ILE A 257 -14.25 12.30 -0.99
CA ILE A 257 -15.02 13.54 -0.80
C ILE A 257 -16.02 13.36 0.33
N GLN A 258 -16.81 12.27 0.28
CA GLN A 258 -17.70 11.89 1.41
C GLN A 258 -16.96 11.92 2.74
N ASP A 259 -15.78 11.28 2.83
CA ASP A 259 -15.09 11.15 4.10
C ASP A 259 -14.26 12.38 4.45
N ASN A 260 -14.45 13.49 3.73
CA ASN A 260 -13.74 14.73 4.05
C ASN A 260 -12.20 14.63 4.09
N LYS A 261 -11.61 13.93 3.09
CA LYS A 261 -10.16 13.58 3.10
C LYS A 261 -9.26 14.64 2.56
N CYS A 262 -8.03 14.69 3.07
CA CYS A 262 -6.95 15.47 2.44
C CYS A 262 -6.38 14.69 1.23
N SER A 263 -7.20 14.61 0.19
CA SER A 263 -6.84 14.07 -1.09
C SER A 263 -5.94 15.07 -1.86
N TRP A 264 -5.13 14.54 -2.76
CA TRP A 264 -4.32 15.39 -3.63
C TRP A 264 -5.24 16.30 -4.46
N LEU A 265 -6.35 15.75 -4.91
CA LEU A 265 -7.33 16.51 -5.70
C LEU A 265 -7.81 17.76 -4.95
N VAL A 266 -8.34 17.59 -3.74
CA VAL A 266 -8.77 18.74 -2.95
C VAL A 266 -7.65 19.73 -2.71
N VAL A 267 -6.39 19.29 -2.64
CA VAL A 267 -5.29 20.20 -2.32
C VAL A 267 -4.95 21.14 -3.50
N GLN A 268 -4.91 20.54 -4.69
CA GLN A 268 -4.66 21.21 -5.95
C GLN A 268 -5.79 22.23 -6.24
N CYS A 269 -7.02 21.72 -6.25
CA CYS A 269 -8.24 22.53 -6.30
C CYS A 269 -8.14 23.81 -5.48
N LEU A 270 -7.91 23.65 -4.18
CA LEU A 270 -7.76 24.78 -3.29
C LEU A 270 -6.76 25.77 -3.87
N GLN A 271 -5.63 25.24 -4.34
CA GLN A 271 -4.54 26.07 -4.82
C GLN A 271 -4.99 26.85 -6.04
N ARG A 272 -6.01 26.36 -6.71
CA ARG A 272 -6.46 26.94 -7.97
C ARG A 272 -7.74 27.81 -7.92
N ALA A 273 -8.45 27.82 -6.80
CA ALA A 273 -9.88 28.23 -6.81
C ALA A 273 -10.16 29.73 -6.65
N THR A 274 -11.04 30.24 -7.49
CA THR A 274 -11.51 31.60 -7.32
C THR A 274 -12.15 31.62 -5.95
N PRO A 275 -12.23 32.81 -5.32
CA PRO A 275 -12.95 32.82 -4.02
C PRO A 275 -14.37 32.20 -4.05
N GLU A 276 -15.15 32.49 -5.10
CA GLU A 276 -16.48 31.88 -5.23
C GLU A 276 -16.41 30.36 -5.30
N GLN A 277 -15.52 29.84 -6.14
CA GLN A 277 -15.25 28.40 -6.20
C GLN A 277 -14.88 27.79 -4.85
N TYR A 278 -14.09 28.51 -4.06
CA TYR A 278 -13.81 28.10 -2.69
C TYR A 278 -15.10 27.86 -1.88
N GLN A 279 -16.13 28.67 -2.12
CA GLN A 279 -17.37 28.52 -1.37
C GLN A 279 -18.16 27.28 -1.81
N ILE A 280 -18.06 26.93 -3.08
CA ILE A 280 -18.77 25.79 -3.62
C ILE A 280 -18.22 24.52 -2.97
N LEU A 281 -16.90 24.52 -2.80
CA LEU A 281 -16.18 23.42 -2.20
C LEU A 281 -16.54 23.30 -0.73
N LYS A 282 -16.40 24.41 0.00
CA LYS A 282 -16.82 24.53 1.41
C LYS A 282 -18.27 24.01 1.65
N GLU A 283 -19.18 24.34 0.75
CA GLU A 283 -20.58 23.97 0.86
C GLU A 283 -20.77 22.48 0.72
N ASN A 284 -20.01 21.87 -0.19
CA ASN A 284 -20.31 20.52 -0.64
C ASN A 284 -19.37 19.40 -0.18
N TYR A 285 -18.24 19.75 0.44
CA TYR A 285 -17.17 18.76 0.63
C TYR A 285 -17.41 17.99 1.91
N GLY A 286 -17.01 16.73 1.94
CA GLY A 286 -17.17 15.99 3.19
C GLY A 286 -18.61 15.69 3.57
N GLN A 287 -19.46 15.47 2.58
CA GLN A 287 -20.84 15.16 2.87
C GLN A 287 -21.24 13.97 2.07
N LYS A 288 -22.07 13.14 2.69
CA LYS A 288 -22.57 11.89 2.11
C LYS A 288 -23.53 12.07 0.90
N GLU A 289 -24.05 13.28 0.64
CA GLU A 289 -25.03 13.52 -0.43
C GLU A 289 -24.47 13.50 -1.84
N ALA A 290 -24.93 12.52 -2.63
CA ALA A 290 -24.46 12.29 -4.01
C ALA A 290 -24.51 13.56 -4.85
N GLU A 291 -25.57 14.35 -4.72
CA GLU A 291 -25.65 15.65 -5.41
C GLU A 291 -24.45 16.54 -5.10
N LYS A 292 -24.01 16.56 -3.84
CA LYS A 292 -22.89 17.41 -3.39
C LYS A 292 -21.52 16.89 -3.80
N VAL A 293 -21.39 15.57 -3.85
CA VAL A 293 -20.18 14.93 -4.34
C VAL A 293 -20.02 15.29 -5.84
N ALA A 294 -21.11 15.14 -6.62
CA ALA A 294 -21.09 15.46 -8.05
C ALA A 294 -20.71 16.95 -8.29
N ARG A 295 -21.17 17.83 -7.43
CA ARG A 295 -20.82 19.21 -7.58
C ARG A 295 -19.31 19.41 -7.38
N VAL A 296 -18.73 18.71 -6.41
CA VAL A 296 -17.29 18.80 -6.21
C VAL A 296 -16.51 18.23 -7.41
N LYS A 297 -16.93 17.08 -7.93
CA LYS A 297 -16.35 16.45 -9.11
C LYS A 297 -16.40 17.36 -10.34
N ALA A 298 -17.53 18.04 -10.51
CA ALA A 298 -17.73 19.01 -11.60
C ALA A 298 -16.72 20.17 -11.46
N LEU A 299 -16.56 20.63 -10.24
CA LEU A 299 -15.59 21.68 -10.00
C LEU A 299 -14.12 21.27 -10.28
N TYR A 300 -13.80 20.00 -10.04
CA TYR A 300 -12.44 19.51 -10.33
C TYR A 300 -12.24 19.44 -11.84
N GLU A 301 -13.29 19.04 -12.55
CA GLU A 301 -13.26 19.05 -13.99
C GLU A 301 -13.21 20.48 -14.56
N GLU A 302 -13.87 21.41 -13.90
CA GLU A 302 -13.83 22.82 -14.30
C GLU A 302 -12.43 23.39 -14.24
N LEU A 303 -11.60 22.92 -13.32
CA LEU A 303 -10.21 23.39 -13.28
C LEU A 303 -9.19 22.37 -13.84
N ASP A 304 -9.63 21.47 -14.70
CA ASP A 304 -8.71 20.60 -15.53
C ASP A 304 -7.73 19.76 -14.69
N LEU A 305 -8.18 19.33 -13.52
CA LEU A 305 -7.34 18.61 -12.60
C LEU A 305 -6.92 17.23 -13.15
N PRO A 306 -7.80 16.56 -13.93
CA PRO A 306 -7.37 15.35 -14.66
C PRO A 306 -6.12 15.58 -15.56
N ALA A 307 -5.99 16.80 -16.09
CA ALA A 307 -4.86 17.12 -16.98
C ALA A 307 -3.67 17.59 -16.16
N VAL A 308 -3.95 18.25 -15.05
CA VAL A 308 -2.93 18.61 -14.07
C VAL A 308 -2.32 17.34 -13.46
N PHE A 309 -3.17 16.37 -13.15
CA PHE A 309 -2.70 15.08 -12.77
C PHE A 309 -1.84 14.43 -13.83
N LEU A 310 -2.27 14.43 -15.10
CA LEU A 310 -1.43 13.86 -16.18
C LEU A 310 -0.13 14.66 -16.31
N GLN A 311 -0.17 15.98 -16.14
CA GLN A 311 1.08 16.75 -16.08
C GLN A 311 2.02 16.28 -14.93
N TYR A 312 1.52 16.35 -13.68
CA TYR A 312 2.29 15.93 -12.46
C TYR A 312 2.90 14.52 -12.62
N GLU A 313 2.10 13.57 -13.10
CA GLU A 313 2.59 12.21 -13.32
C GLU A 313 3.88 12.17 -14.16
N GLU A 314 3.93 12.95 -15.24
CA GLU A 314 5.12 13.07 -16.10
C GLU A 314 6.30 13.69 -15.38
N ASP A 315 6.09 14.83 -14.70
CA ASP A 315 7.20 15.49 -13.99
C ASP A 315 7.83 14.58 -12.96
N SER A 316 6.96 14.02 -12.12
CA SER A 316 7.35 13.16 -11.04
C SER A 316 8.08 11.90 -11.57
N TYR A 317 7.58 11.31 -12.65
CA TYR A 317 8.33 10.22 -13.28
C TYR A 317 9.75 10.65 -13.67
N SER A 318 9.92 11.82 -14.29
CA SER A 318 11.26 12.34 -14.55
C SER A 318 12.12 12.45 -13.29
N HIS A 319 11.51 13.00 -12.23
CA HIS A 319 12.19 13.19 -10.99
C HIS A 319 12.62 11.84 -10.38
N ILE A 320 11.73 10.87 -10.37
CA ILE A 320 12.09 9.53 -9.87
C ILE A 320 13.29 8.97 -10.65
N MET A 321 13.21 9.01 -11.99
CA MET A 321 14.32 8.57 -12.86
C MET A 321 15.60 9.35 -12.53
N ALA A 322 15.54 10.67 -12.33
CA ALA A 322 16.77 11.37 -11.92
C ALA A 322 17.34 10.78 -10.59
N LEU A 323 16.43 10.50 -9.66
CA LEU A 323 16.79 9.94 -8.37
C LEU A 323 17.42 8.58 -8.47
N ILE A 324 16.91 7.73 -9.36
CA ILE A 324 17.55 6.43 -9.58
C ILE A 324 18.97 6.62 -10.11
N GLU A 325 19.15 7.63 -10.94
CA GLU A 325 20.43 7.85 -11.54
C GLU A 325 21.37 8.33 -10.47
N GLN A 326 20.86 9.09 -9.51
CA GLN A 326 21.72 9.54 -8.41
C GLN A 326 21.99 8.48 -7.31
N TYR A 327 21.06 7.59 -7.04
CA TYR A 327 21.15 6.86 -5.78
C TYR A 327 21.11 5.38 -5.86
N ALA A 328 20.79 4.82 -7.02
CA ALA A 328 20.81 3.36 -7.18
C ALA A 328 22.15 2.69 -6.84
N ALA A 329 23.25 3.19 -7.40
CA ALA A 329 24.57 2.61 -7.12
C ALA A 329 24.71 2.37 -5.60
N PRO A 330 25.17 1.15 -5.21
CA PRO A 330 25.65 0.05 -6.07
C PRO A 330 24.60 -0.98 -6.45
N LEU A 331 23.33 -0.72 -6.14
CA LEU A 331 22.26 -1.65 -6.52
C LEU A 331 21.99 -1.61 -8.03
N PRO A 332 21.55 -2.74 -8.61
CA PRO A 332 21.19 -2.72 -10.02
C PRO A 332 20.08 -1.72 -10.21
N PRO A 333 20.19 -0.81 -11.21
CA PRO A 333 19.07 0.11 -11.40
C PRO A 333 17.77 -0.61 -11.75
N ALA A 334 17.88 -1.82 -12.33
CA ALA A 334 16.71 -2.58 -12.76
C ALA A 334 15.76 -2.85 -11.58
N VAL A 335 16.32 -3.06 -10.39
CA VAL A 335 15.54 -3.18 -9.18
C VAL A 335 14.46 -2.09 -9.12
N PHE A 336 14.88 -0.83 -9.24
CA PHE A 336 13.98 0.31 -9.23
C PHE A 336 13.19 0.55 -10.50
N LEU A 337 13.82 0.39 -11.65
CA LEU A 337 13.13 0.63 -12.94
C LEU A 337 11.97 -0.32 -13.08
N GLY A 338 12.17 -1.58 -12.67
CA GLY A 338 11.16 -2.62 -12.77
C GLY A 338 9.93 -2.20 -11.96
N LEU A 339 10.17 -1.75 -10.73
CA LEU A 339 9.07 -1.27 -9.90
C LEU A 339 8.37 -0.03 -10.50
N ALA A 340 9.14 0.98 -10.92
CA ALA A 340 8.55 2.21 -11.50
C ALA A 340 7.72 1.94 -12.77
N ARG A 341 8.16 1.00 -13.60
CA ARG A 341 7.42 0.61 -14.78
C ARG A 341 6.06 -0.03 -14.43
N LYS A 342 6.02 -0.77 -13.33
CA LYS A 342 4.77 -1.40 -12.90
C LYS A 342 3.78 -0.36 -12.32
N ILE A 343 4.27 0.82 -11.92
CA ILE A 343 3.36 1.95 -11.69
C ILE A 343 3.55 2.99 -12.78
P PO4 B . -4.16 0.07 -3.31
O1 PO4 B . -3.38 -1.22 -3.18
O2 PO4 B . -5.59 -0.24 -3.80
O3 PO4 B . -3.35 0.83 -4.35
O4 PO4 B . -4.29 0.99 -2.08
MG MG C . -7.74 6.43 -1.64
MG MG D . -10.03 3.91 1.98
MG MG E . -7.76 5.55 4.54
P PO4 F . -3.75 -4.24 -4.25
O1 PO4 F . -5.23 -4.45 -4.22
O2 PO4 F . -3.17 -4.91 -3.02
O3 PO4 F . -3.21 -4.86 -5.51
O4 PO4 F . -3.34 -2.74 -4.24
CAA N1Z G . -4.59 -0.72 11.73
OAB N1Z G . -5.31 5.55 1.91
OAG N1Z G . -7.01 1.66 -0.97
OAD N1Z G . -8.56 3.41 1.72
OAE N1Z G . -6.95 6.08 0.40
OAF N1Z G . -7.60 5.24 2.94
OAH N1Z G . -8.76 2.46 -0.14
OAC N1Z G . -7.82 4.27 -1.66
CAI N1Z G . -4.03 3.13 1.15
CAJ N1Z G . -3.03 3.39 2.01
CAK N1Z G . -4.71 2.67 3.18
CAL N1Z G . -4.03 0.64 11.17
CAM N1Z G . -3.54 0.50 9.73
CAN N1Z G . -4.32 1.44 8.77
CAO N1Z G . -3.82 1.19 7.34
CAP N1Z G . -3.51 2.48 6.61
CAQ N1Z G . -2.84 2.10 5.29
CAR N1Z G . -2.71 3.31 4.41
CAS N1Z G . -6.25 2.31 1.33
NAT N1Z G . -5.04 2.69 1.88
NAU N1Z G . -3.46 3.10 3.22
CAV N1Z G . -7.19 3.49 1.03
PAW N1Z G . -6.74 5.15 1.58
PAX N1Z G . -7.53 3.18 -0.64
#